data_5OEH
#
_entry.id   5OEH
#
_cell.length_a   60.400
_cell.length_b   157.400
_cell.length_c   77.200
_cell.angle_alpha   90.000
_cell.angle_beta   90.000
_cell.angle_gamma   90.000
#
_symmetry.space_group_name_H-M   'C 2 2 2'
#
loop_
_entity.id
_entity.type
_entity.pdbx_description
1 polymer '14-3-3 protein sigma'
2 non-polymer (1R,5S,9S,16R,20R,24S,28S,35R)-3,22-Bis(dihydroxyphosphoryloxy)tridecacyclo[22.14.1.15,20.19,16.128,35.02,23.04,21.06,19.08,17.010,15.025,38.027,36.029,34]dotetraconta-2(23),3,6,8(17),10,12,14,18,21,25,27(36),29,31,33,37-pentadecaene
3 non-polymer 'CHLORIDE ION'
4 non-polymer GLYCEROL
5 water water
#
_entity_poly.entity_id   1
_entity_poly.type   'polypeptide(L)'
_entity_poly.pdbx_seq_one_letter_code
;GAMGSMERASLIQKAKLAEQAERYEDMAAFMKGAVEKGEELSCEERNLLSVAYKNVVGGQRAAWRVLSSIEQKSNEEGSE
EKGPEVREYREKVETELQGVCDTVLGLLDSHLIKEAGDAESRVFYLKMKGDYYRYLAEVATGDDKKRIIDSARSAYQEAM
DISKKEMPPTNPIRLGLALNFSVFHYEIANSPEEAISLAKTTFDEAMADLHTLSEDSYKDSTLIMQLLRDNLTLWT
;
_entity_poly.pdbx_strand_id   A
#
loop_
_chem_comp.id
_chem_comp.type
_chem_comp.name
_chem_comp.formula
9SZ non-polymer (1R,5S,9S,16R,20R,24S,28S,35R)-3,22-Bis(dihydroxyphosphoryloxy)tridecacyclo[22.14.1.15,20.19,16.128,35.02,23.04,21.06,19.08,17.010,15.025,38.027,36.029,34]dotetraconta-2(23),3,6,8(17),10,12,14,18,21,25,27(36),29,31,33,37-pentadecaene 'C42 H32 O8 P2'
CL non-polymer 'CHLORIDE ION' 'Cl -1'
GOL non-polymer GLYCEROL 'C3 H8 O3'
#
# COMPACT_ATOMS: atom_id res chain seq x y z
N GLY A 1 -16.58 17.24 7.84
CA GLY A 1 -16.79 15.78 7.61
C GLY A 1 -17.85 15.18 8.52
N ALA A 2 -18.31 13.97 8.15
CA ALA A 2 -19.33 13.25 8.90
C ALA A 2 -18.88 12.81 10.32
N MET A 3 -17.56 12.72 10.55
CA MET A 3 -17.00 12.41 11.88
C MET A 3 -16.51 13.64 12.67
N GLY A 4 -16.79 14.84 12.18
CA GLY A 4 -16.32 16.09 12.80
C GLY A 4 -16.77 16.35 14.24
N SER A 5 -17.93 15.80 14.61
CA SER A 5 -18.47 15.99 15.97
C SER A 5 -17.96 14.97 17.01
N MET A 6 -17.20 13.95 16.61
CA MET A 6 -16.73 12.90 17.53
C MET A 6 -15.30 13.17 18.02
N GLU A 7 -15.03 12.83 19.29
CA GLU A 7 -13.68 12.93 19.89
C GLU A 7 -12.64 12.08 19.16
N ARG A 8 -11.41 12.57 19.07
CA ARG A 8 -10.30 11.80 18.47
C ARG A 8 -10.14 10.41 19.11
N ALA A 9 -10.14 10.35 20.44
CA ALA A 9 -9.97 9.09 21.17
C ALA A 9 -11.10 8.09 20.95
N SER A 10 -12.32 8.59 20.75
CA SER A 10 -13.47 7.74 20.44
C SER A 10 -13.37 7.13 19.03
N LEU A 11 -12.91 7.92 18.06
CA LEU A 11 -12.72 7.44 16.68
C LEU A 11 -11.68 6.30 16.58
N ILE A 12 -10.57 6.44 17.30
CA ILE A 12 -9.52 5.40 17.36
C ILE A 12 -10.06 4.12 18.02
N GLN A 13 -10.77 4.28 19.13
CA GLN A 13 -11.45 3.17 19.82
C GLN A 13 -12.44 2.43 18.91
N LYS A 14 -13.22 3.16 18.13
CA LYS A 14 -14.19 2.53 17.21
C LYS A 14 -13.54 1.88 15.98
N ALA A 15 -12.44 2.44 15.48
CA ALA A 15 -11.66 1.78 14.42
C ALA A 15 -11.17 0.37 14.85
N LYS A 16 -10.75 0.23 16.10
CA LYS A 16 -10.33 -1.08 16.64
C LYS A 16 -11.48 -2.08 16.77
N LEU A 17 -12.65 -1.60 17.20
CA LEU A 17 -13.84 -2.45 17.28
C LEU A 17 -14.31 -2.90 15.89
N ALA A 18 -14.23 -2.00 14.91
CA ALA A 18 -14.56 -2.32 13.53
C ALA A 18 -13.60 -3.38 12.95
N GLU A 19 -12.31 -3.28 13.27
CA GLU A 19 -11.32 -4.31 12.88
C GLU A 19 -11.71 -5.70 13.40
N GLN A 20 -12.06 -5.79 14.69
CA GLN A 20 -12.46 -7.05 15.32
C GLN A 20 -13.75 -7.62 14.74
N ALA A 21 -14.63 -6.76 14.22
CA ALA A 21 -15.87 -7.17 13.56
C ALA A 21 -15.74 -7.34 12.03
N GLU A 22 -14.53 -7.17 11.49
CA GLU A 22 -14.27 -7.25 10.04
C GLU A 22 -15.13 -6.28 9.21
N ARG A 23 -15.39 -5.10 9.78
CA ARG A 23 -16.18 -4.05 9.14
C ARG A 23 -15.20 -2.98 8.63
N TYR A 24 -14.56 -3.26 7.49
CA TYR A 24 -13.41 -2.48 7.04
C TYR A 24 -13.75 -1.11 6.43
N GLU A 25 -14.93 -0.96 5.85
CA GLU A 25 -15.45 0.37 5.40
C GLU A 25 -15.64 1.35 6.57
N ASP A 26 -16.30 0.88 7.63
CA ASP A 26 -16.41 1.63 8.89
C ASP A 26 -15.05 1.99 9.46
N MET A 27 -14.14 1.02 9.47
CA MET A 27 -12.77 1.21 10.00
C MET A 27 -12.05 2.36 9.28
N ALA A 28 -12.11 2.34 7.95
CA ALA A 28 -11.48 3.37 7.12
C ALA A 28 -12.09 4.76 7.35
N ALA A 29 -13.41 4.81 7.50
CA ALA A 29 -14.11 6.08 7.74
C ALA A 29 -13.78 6.65 9.13
N PHE A 30 -13.67 5.80 10.15
CA PHE A 30 -13.24 6.24 11.49
C PHE A 30 -11.80 6.80 11.48
N MET A 31 -10.88 6.13 10.78
CA MET A 31 -9.47 6.58 10.71
C MET A 31 -9.27 7.87 9.90
N LYS A 32 -10.05 8.03 8.82
CA LYS A 32 -10.08 9.31 8.07
C LYS A 32 -10.47 10.47 9.00
N GLY A 33 -11.52 10.26 9.80
CA GLY A 33 -11.92 11.19 10.84
C GLY A 33 -10.81 11.54 11.83
N ALA A 34 -10.08 10.52 12.27
CA ALA A 34 -8.94 10.69 13.18
C ALA A 34 -7.83 11.55 12.55
N VAL A 35 -7.47 11.25 11.30
CA VAL A 35 -6.44 12.01 10.56
C VAL A 35 -6.84 13.47 10.42
N GLU A 36 -8.12 13.71 10.14
CA GLU A 36 -8.63 15.08 9.95
C GLU A 36 -8.62 15.98 11.19
N LYS A 37 -8.38 15.42 12.38
CA LYS A 37 -8.16 16.24 13.59
C LYS A 37 -6.86 17.05 13.55
N GLY A 38 -5.92 16.69 12.68
CA GLY A 38 -4.70 17.47 12.44
C GLY A 38 -3.47 17.11 13.27
N GLU A 39 -3.57 16.10 14.14
CA GLU A 39 -2.43 15.61 14.92
C GLU A 39 -1.72 14.46 14.21
N GLU A 40 -0.45 14.26 14.56
CA GLU A 40 0.35 13.10 14.10
C GLU A 40 -0.26 11.77 14.54
N LEU A 41 0.01 10.71 13.77
CA LEU A 41 -0.38 9.35 14.15
C LEU A 41 0.79 8.61 14.83
N SER A 42 0.47 7.86 15.88
CA SER A 42 1.41 6.92 16.50
C SER A 42 1.66 5.71 15.58
N CYS A 43 2.69 4.93 15.90
CA CYS A 43 3.01 3.69 15.15
C CYS A 43 1.80 2.76 15.01
N GLU A 44 1.13 2.52 16.12
CA GLU A 44 -0.11 1.71 16.16
C GLU A 44 -1.24 2.30 15.31
N GLU A 45 -1.40 3.62 15.34
CA GLU A 45 -2.46 4.30 14.58
C GLU A 45 -2.22 4.25 13.06
N ARG A 46 -0.96 4.44 12.64
CA ARG A 46 -0.55 4.26 11.24
C ARG A 46 -0.95 2.90 10.67
N ASN A 47 -0.75 1.83 11.46
CA ASN A 47 -1.14 0.46 11.06
C ASN A 47 -2.65 0.26 10.94
N LEU A 48 -3.43 0.92 11.81
CA LEU A 48 -4.90 0.89 11.69
C LEU A 48 -5.36 1.54 10.36
N LEU A 49 -4.81 2.72 10.05
CA LEU A 49 -5.09 3.40 8.78
C LEU A 49 -4.78 2.51 7.56
N SER A 50 -3.64 1.84 7.59
CA SER A 50 -3.17 1.01 6.46
C SER A 50 -4.01 -0.25 6.26
N VAL A 51 -4.29 -0.95 7.35
CA VAL A 51 -5.09 -2.18 7.32
C VAL A 51 -6.51 -1.93 6.82
N ALA A 52 -7.10 -0.80 7.22
CA ALA A 52 -8.47 -0.44 6.83
C ALA A 52 -8.57 -0.27 5.31
N TYR A 53 -7.75 0.64 4.77
CA TYR A 53 -7.85 0.98 3.35
C TYR A 53 -7.36 -0.15 2.44
N LYS A 54 -6.32 -0.88 2.86
CA LYS A 54 -5.82 -2.05 2.12
C LYS A 54 -6.91 -3.12 1.91
N ASN A 55 -7.71 -3.37 2.95
CA ASN A 55 -8.82 -4.32 2.88
C ASN A 55 -9.97 -3.85 1.98
N VAL A 56 -10.25 -2.54 1.99
CA VAL A 56 -11.29 -1.98 1.12
C VAL A 56 -10.91 -2.08 -0.36
N VAL A 57 -9.75 -1.55 -0.73
CA VAL A 57 -9.31 -1.61 -2.15
C VAL A 57 -8.97 -3.02 -2.63
N GLY A 58 -8.53 -3.89 -1.71
CA GLY A 58 -8.30 -5.31 -2.01
C GLY A 58 -9.53 -6.02 -2.54
N GLY A 59 -10.68 -5.81 -1.91
CA GLY A 59 -11.97 -6.35 -2.40
C GLY A 59 -12.43 -5.77 -3.72
N GLN A 60 -12.14 -4.48 -3.94
CA GLN A 60 -12.47 -3.80 -5.20
C GLN A 60 -11.60 -4.30 -6.36
N ARG A 61 -10.29 -4.42 -6.12
CA ARG A 61 -9.35 -4.94 -7.11
C ARG A 61 -9.68 -6.37 -7.56
N ALA A 62 -10.06 -7.23 -6.61
CA ALA A 62 -10.43 -8.62 -6.93
C ALA A 62 -11.69 -8.68 -7.79
N ALA A 63 -12.68 -7.86 -7.48
CA ALA A 63 -13.91 -7.76 -8.28
C ALA A 63 -13.62 -7.21 -9.69
N TRP A 64 -12.81 -6.15 -9.76
CA TRP A 64 -12.42 -5.55 -11.05
C TRP A 64 -11.72 -6.56 -11.97
N ARG A 65 -10.92 -7.45 -11.39
CA ARG A 65 -10.21 -8.48 -12.17
C ARG A 65 -11.14 -9.55 -12.71
N VAL A 66 -12.08 -10.01 -11.89
CA VAL A 66 -13.11 -10.98 -12.33
C VAL A 66 -13.94 -10.44 -13.49
N LEU A 67 -14.32 -9.17 -13.42
CA LEU A 67 -15.18 -8.55 -14.43
C LEU A 67 -14.42 -8.21 -15.71
N SER A 68 -13.18 -7.74 -15.56
CA SER A 68 -12.32 -7.42 -16.69
C SER A 68 -12.00 -8.65 -17.54
N SER A 69 -11.82 -9.81 -16.90
CA SER A 69 -11.56 -11.07 -17.60
C SER A 69 -12.82 -11.59 -18.31
N ILE A 70 -13.99 -11.47 -17.66
CA ILE A 70 -15.27 -11.85 -18.28
C ILE A 70 -15.54 -10.99 -19.53
N GLU A 71 -15.28 -9.69 -19.42
CA GLU A 71 -15.42 -8.74 -20.52
C GLU A 71 -14.60 -9.13 -21.76
N GLN A 72 -13.37 -9.58 -21.55
CA GLN A 72 -12.46 -9.96 -22.65
C GLN A 72 -12.89 -11.25 -23.38
N LYS A 73 -13.51 -12.18 -22.65
CA LYS A 73 -14.08 -13.39 -23.27
C LYS A 73 -15.21 -13.13 -24.28
N SER A 74 -15.62 -11.88 -24.39
CA SER A 74 -16.61 -11.48 -25.35
C SER A 74 -15.82 -10.97 -26.53
N ASN A 75 -15.40 -11.91 -27.36
CA ASN A 75 -14.60 -11.65 -28.55
C ASN A 75 -13.88 -12.92 -28.95
N LYS A 82 -23.25 -9.94 -26.71
CA LYS A 82 -23.65 -10.15 -25.31
C LYS A 82 -24.27 -8.91 -24.64
N GLY A 83 -24.09 -7.72 -25.24
CA GLY A 83 -24.71 -6.47 -24.76
C GLY A 83 -23.74 -5.55 -24.00
N PRO A 84 -24.24 -4.38 -23.55
CA PRO A 84 -23.40 -3.43 -22.81
C PRO A 84 -23.23 -3.70 -21.30
N GLU A 85 -23.87 -4.73 -20.75
CA GLU A 85 -23.99 -4.90 -19.29
C GLU A 85 -22.66 -5.13 -18.56
N VAL A 86 -21.78 -5.95 -19.15
CA VAL A 86 -20.47 -6.24 -18.51
C VAL A 86 -19.59 -4.98 -18.45
N ARG A 87 -19.49 -4.25 -19.56
CA ARG A 87 -18.73 -2.99 -19.61
C ARG A 87 -19.26 -1.98 -18.59
N GLU A 88 -20.58 -1.82 -18.55
CA GLU A 88 -21.23 -0.87 -17.63
C GLU A 88 -20.92 -1.16 -16.16
N TYR A 89 -20.98 -2.43 -15.77
CA TYR A 89 -20.76 -2.82 -14.38
C TYR A 89 -19.26 -2.78 -14.02
N ARG A 90 -18.39 -3.15 -14.97
CA ARG A 90 -16.93 -3.01 -14.79
C ARG A 90 -16.53 -1.54 -14.59
N GLU A 91 -17.10 -0.64 -15.40
CA GLU A 91 -16.87 0.82 -15.24
C GLU A 91 -17.31 1.34 -13.86
N LYS A 92 -18.41 0.81 -13.34
CA LYS A 92 -18.94 1.22 -12.03
C LYS A 92 -18.01 0.84 -10.87
N VAL A 93 -17.44 -0.37 -10.91
CA VAL A 93 -16.48 -0.83 -9.88
C VAL A 93 -15.18 -0.03 -10.00
N GLU A 94 -14.72 0.20 -11.24
CA GLU A 94 -13.53 1.01 -11.53
C GLU A 94 -13.59 2.43 -10.93
N THR A 95 -14.70 3.12 -11.19
CA THR A 95 -14.95 4.47 -10.69
C THR A 95 -14.90 4.54 -9.16
N GLU A 96 -15.47 3.53 -8.52
CA GLU A 96 -15.49 3.41 -7.07
C GLU A 96 -14.07 3.15 -6.50
N LEU A 97 -13.32 2.28 -7.17
CA LEU A 97 -11.91 1.99 -6.81
C LEU A 97 -11.04 3.26 -6.89
N GLN A 98 -11.19 4.01 -7.99
CA GLN A 98 -10.47 5.27 -8.19
C GLN A 98 -10.81 6.32 -7.12
N GLY A 99 -12.07 6.36 -6.70
CA GLY A 99 -12.49 7.24 -5.61
C GLY A 99 -11.78 6.96 -4.29
N VAL A 100 -11.61 5.69 -3.94
CA VAL A 100 -10.94 5.32 -2.70
C VAL A 100 -9.44 5.67 -2.76
N CYS A 101 -8.78 5.37 -3.88
CA CYS A 101 -7.37 5.73 -4.07
C CYS A 101 -7.13 7.25 -3.98
N ASP A 102 -7.99 8.05 -4.63
CA ASP A 102 -7.89 9.53 -4.58
C ASP A 102 -8.05 10.07 -3.16
N THR A 103 -8.92 9.44 -2.38
CA THR A 103 -9.12 9.81 -0.97
C THR A 103 -7.86 9.57 -0.13
N VAL A 104 -7.24 8.41 -0.30
CA VAL A 104 -6.03 8.05 0.47
C VAL A 104 -4.89 9.00 0.10
N LEU A 105 -4.66 9.19 -1.19
CA LEU A 105 -3.64 10.12 -1.70
C LEU A 105 -3.89 11.56 -1.27
N GLY A 106 -5.16 11.95 -1.18
CA GLY A 106 -5.54 13.26 -0.65
C GLY A 106 -5.17 13.44 0.82
N LEU A 107 -5.43 12.41 1.62
CA LEU A 107 -5.05 12.44 3.03
C LEU A 107 -3.53 12.47 3.23
N LEU A 108 -2.78 11.78 2.39
CA LEU A 108 -1.32 11.77 2.45
C LEU A 108 -0.72 13.15 2.16
N ASP A 109 -1.18 13.80 1.07
CA ASP A 109 -0.70 15.16 0.74
C ASP A 109 -1.20 16.25 1.69
N SER A 110 -2.45 16.17 2.14
CA SER A 110 -3.04 17.22 2.99
C SER A 110 -2.52 17.24 4.43
N HIS A 111 -2.35 16.05 5.03
CA HIS A 111 -2.12 15.96 6.48
C HIS A 111 -0.87 15.18 6.95
N LEU A 112 -0.48 14.12 6.23
CA LEU A 112 0.43 13.11 6.79
C LEU A 112 1.90 13.22 6.38
N ILE A 113 2.15 13.44 5.09
CA ILE A 113 3.52 13.58 4.58
C ILE A 113 4.13 14.93 5.01
N LYS A 114 5.30 14.87 5.64
CA LYS A 114 6.00 16.04 6.19
C LYS A 114 7.50 15.96 5.90
N GLU A 115 8.15 17.12 5.88
CA GLU A 115 9.62 17.19 5.76
C GLU A 115 10.34 16.80 7.05
N ALA A 116 9.63 16.87 8.19
CA ALA A 116 10.15 16.53 9.51
C ALA A 116 9.67 15.14 9.96
N GLY A 117 9.76 14.84 11.25
CA GLY A 117 9.37 13.53 11.79
C GLY A 117 10.48 12.50 11.60
N ASP A 118 10.37 11.38 12.32
CA ASP A 118 11.38 10.31 12.22
C ASP A 118 11.31 9.59 10.86
N ALA A 119 12.35 8.81 10.58
CA ALA A 119 12.50 8.12 9.29
C ALA A 119 11.53 6.95 9.10
N GLU A 120 11.14 6.30 10.20
CA GLU A 120 10.05 5.32 10.16
C GLU A 120 8.74 5.92 9.62
N SER A 121 8.43 7.14 10.04
CA SER A 121 7.19 7.84 9.60
C SER A 121 7.21 8.17 8.12
N ARG A 122 8.24 8.88 7.69
CA ARG A 122 8.40 9.33 6.30
C ARG A 122 8.42 8.16 5.29
N VAL A 123 9.14 7.10 5.61
CA VAL A 123 9.20 5.91 4.73
C VAL A 123 7.81 5.23 4.64
N PHE A 124 7.10 5.17 5.77
CA PHE A 124 5.79 4.52 5.83
C PHE A 124 4.77 5.20 4.89
N TYR A 125 4.69 6.53 4.97
CA TYR A 125 3.74 7.30 4.14
C TYR A 125 4.12 7.36 2.65
N LEU A 126 5.42 7.38 2.35
CA LEU A 126 5.89 7.35 0.96
C LEU A 126 5.66 5.99 0.29
N LYS A 127 5.82 4.91 1.05
CA LYS A 127 5.48 3.56 0.57
C LYS A 127 3.97 3.48 0.27
N MET A 128 3.16 4.02 1.18
CA MET A 128 1.71 4.08 1.01
C MET A 128 1.38 4.85 -0.28
N LYS A 129 2.02 5.99 -0.47
CA LYS A 129 1.83 6.81 -1.68
C LYS A 129 2.15 6.03 -2.97
N GLY A 130 3.19 5.21 -2.93
CA GLY A 130 3.53 4.34 -4.06
C GLY A 130 2.50 3.24 -4.33
N ASP A 131 2.09 2.56 -3.26
CA ASP A 131 1.06 1.50 -3.33
C ASP A 131 -0.25 1.93 -4.02
N TYR A 132 -0.73 3.14 -3.69
CA TYR A 132 -2.04 3.59 -4.20
C TYR A 132 -1.98 4.19 -5.61
N TYR A 133 -0.86 4.81 -5.99
CA TYR A 133 -0.60 5.10 -7.41
C TYR A 133 -0.45 3.80 -8.22
N ARG A 134 0.17 2.77 -7.63
CA ARG A 134 0.25 1.46 -8.30
C ARG A 134 -1.13 0.89 -8.58
N TYR A 135 -2.06 1.01 -7.63
CA TYR A 135 -3.43 0.51 -7.82
C TYR A 135 -4.18 1.27 -8.92
N LEU A 136 -4.00 2.60 -8.99
CA LEU A 136 -4.55 3.41 -10.09
C LEU A 136 -3.95 3.04 -11.45
N ALA A 137 -2.66 2.68 -11.48
CA ALA A 137 -1.99 2.22 -12.71
C ALA A 137 -2.54 0.91 -13.28
N GLU A 138 -3.00 0.01 -12.41
CA GLU A 138 -3.58 -1.26 -12.84
C GLU A 138 -4.84 -1.11 -13.71
N VAL A 139 -5.60 -0.03 -13.52
CA VAL A 139 -6.86 0.20 -14.27
C VAL A 139 -6.82 1.34 -15.30
N ALA A 140 -5.72 2.10 -15.34
CA ALA A 140 -5.57 3.21 -16.29
C ALA A 140 -5.08 2.72 -17.66
N THR A 141 -5.32 3.54 -18.70
CA THR A 141 -4.95 3.21 -20.09
C THR A 141 -4.26 4.32 -20.92
N GLY A 142 -4.61 5.59 -20.69
CA GLY A 142 -4.22 6.69 -21.60
C GLY A 142 -2.80 7.20 -21.48
N ASP A 143 -2.61 8.47 -21.85
CA ASP A 143 -1.35 9.19 -21.61
C ASP A 143 -1.16 9.47 -20.10
N ASP A 144 -2.27 9.58 -19.37
CA ASP A 144 -2.25 9.73 -17.90
C ASP A 144 -1.67 8.51 -17.16
N LYS A 145 -1.79 7.31 -17.75
CA LYS A 145 -1.16 6.10 -17.20
C LYS A 145 0.35 6.25 -17.05
N LYS A 146 1.00 6.81 -18.07
CA LYS A 146 2.44 7.11 -18.02
C LYS A 146 2.79 8.09 -16.90
N ARG A 147 1.96 9.11 -16.71
CA ARG A 147 2.11 10.05 -15.59
C ARG A 147 1.99 9.36 -14.22
N ILE A 148 1.02 8.45 -14.12
CA ILE A 148 0.73 7.69 -12.89
C ILE A 148 1.87 6.73 -12.51
N ILE A 149 2.45 6.03 -13.49
CA ILE A 149 3.58 5.13 -13.24
C ILE A 149 4.82 5.87 -12.72
N ASP A 150 5.11 7.04 -13.29
CA ASP A 150 6.25 7.86 -12.87
C ASP A 150 6.05 8.47 -11.47
N SER A 151 4.79 8.77 -11.12
CA SER A 151 4.45 9.18 -9.75
C SER A 151 4.68 8.05 -8.74
N ALA A 152 4.39 6.81 -9.14
CA ALA A 152 4.58 5.64 -8.29
C ALA A 152 6.06 5.32 -8.05
N ARG A 153 6.81 5.20 -9.15
CA ARG A 153 8.28 5.01 -9.10
C ARG A 153 9.00 6.04 -8.23
N SER A 154 8.64 7.31 -8.41
CA SER A 154 9.26 8.43 -7.69
C SER A 154 9.10 8.35 -6.17
N ALA A 155 7.88 8.04 -5.73
CA ALA A 155 7.60 7.88 -4.29
C ALA A 155 8.33 6.68 -3.70
N TYR A 156 8.26 5.55 -4.39
CA TYR A 156 8.97 4.32 -4.01
C TYR A 156 10.49 4.51 -3.93
N GLN A 157 11.06 5.26 -4.88
CA GLN A 157 12.52 5.45 -4.94
C GLN A 157 13.02 6.36 -3.81
N GLU A 158 12.29 7.42 -3.50
CA GLU A 158 12.64 8.28 -2.36
C GLU A 158 12.56 7.51 -1.04
N ALA A 159 11.57 6.61 -0.92
CA ALA A 159 11.45 5.74 0.25
C ALA A 159 12.63 4.78 0.39
N MET A 160 13.03 4.17 -0.73
CA MET A 160 14.21 3.26 -0.75
C MET A 160 15.49 3.98 -0.30
N ASP A 161 15.70 5.19 -0.82
CA ASP A 161 16.88 6.01 -0.47
C ASP A 161 16.98 6.30 1.03
N ILE A 162 15.86 6.68 1.66
CA ILE A 162 15.84 6.97 3.10
C ILE A 162 16.05 5.71 3.95
N SER A 163 15.40 4.61 3.58
CA SER A 163 15.49 3.37 4.37
C SER A 163 16.90 2.74 4.34
N LYS A 164 17.61 2.88 3.22
CA LYS A 164 19.01 2.43 3.12
C LYS A 164 19.94 3.22 4.06
N LYS A 165 19.72 4.52 4.17
CA LYS A 165 20.51 5.37 5.06
C LYS A 165 20.14 5.22 6.56
N GLU A 166 18.84 5.09 6.85
CA GLU A 166 18.34 5.23 8.24
C GLU A 166 17.94 3.95 8.98
N MET A 167 17.74 2.84 8.28
CA MET A 167 17.20 1.61 8.89
C MET A 167 18.11 0.41 8.63
N PRO A 168 18.12 -0.57 9.57
CA PRO A 168 18.84 -1.83 9.30
C PRO A 168 18.12 -2.69 8.26
N PRO A 169 18.84 -3.59 7.57
CA PRO A 169 18.22 -4.41 6.51
C PRO A 169 17.17 -5.44 6.93
N THR A 170 17.02 -5.68 8.25
CA THR A 170 15.97 -6.55 8.80
C THR A 170 14.70 -5.81 9.27
N ASN A 171 14.67 -4.48 9.17
CA ASN A 171 13.51 -3.69 9.57
CA ASN A 171 13.50 -3.69 9.57
C ASN A 171 12.29 -4.06 8.70
N PRO A 172 11.15 -4.42 9.33
CA PRO A 172 10.00 -4.88 8.53
C PRO A 172 9.39 -3.83 7.58
N ILE A 173 9.49 -2.55 7.93
CA ILE A 173 9.00 -1.47 7.06
C ILE A 173 9.89 -1.37 5.82
N ARG A 174 11.20 -1.49 6.01
CA ARG A 174 12.17 -1.55 4.89
C ARG A 174 11.97 -2.80 4.03
N LEU A 175 11.76 -3.95 4.66
CA LEU A 175 11.50 -5.21 3.92
C LEU A 175 10.19 -5.15 3.09
N GLY A 176 9.11 -4.70 3.71
CA GLY A 176 7.82 -4.56 3.02
C GLY A 176 7.85 -3.59 1.84
N LEU A 177 8.54 -2.47 2.02
CA LEU A 177 8.75 -1.50 0.95
C LEU A 177 9.38 -2.13 -0.29
N ALA A 178 10.52 -2.79 -0.08
CA ALA A 178 11.25 -3.44 -1.15
C ALA A 178 10.45 -4.57 -1.81
N LEU A 179 9.71 -5.34 -1.01
CA LEU A 179 8.79 -6.37 -1.56
C LEU A 179 7.76 -5.78 -2.53
N ASN A 180 7.12 -4.68 -2.14
CA ASN A 180 6.08 -4.05 -2.99
C ASN A 180 6.67 -3.34 -4.21
N PHE A 181 7.85 -2.73 -4.04
CA PHE A 181 8.56 -2.08 -5.15
C PHE A 181 9.03 -3.10 -6.20
N SER A 182 9.34 -4.33 -5.77
CA SER A 182 9.68 -5.42 -6.70
C SER A 182 8.45 -5.94 -7.44
N VAL A 183 7.29 -5.93 -6.78
CA VAL A 183 6.01 -6.21 -7.45
C VAL A 183 5.70 -5.12 -8.51
N PHE A 184 5.95 -3.86 -8.18
CA PHE A 184 5.84 -2.75 -9.15
C PHE A 184 6.68 -2.97 -10.42
N HIS A 185 7.92 -3.43 -10.24
CA HIS A 185 8.81 -3.72 -11.37
C HIS A 185 8.27 -4.84 -12.28
N TYR A 186 7.82 -5.93 -11.66
CA TYR A 186 7.37 -7.11 -12.40
C TYR A 186 6.02 -6.90 -13.12
N GLU A 187 5.03 -6.37 -12.41
CA GLU A 187 3.65 -6.32 -12.92
C GLU A 187 3.31 -5.05 -13.73
N ILE A 188 3.79 -3.89 -13.27
CA ILE A 188 3.43 -2.60 -13.85
C ILE A 188 4.48 -2.07 -14.85
N ALA A 189 5.77 -2.21 -14.52
CA ALA A 189 6.85 -1.68 -15.36
C ALA A 189 7.37 -2.67 -16.42
N ASN A 190 6.95 -3.92 -16.36
CA ASN A 190 7.44 -4.99 -17.25
C ASN A 190 8.98 -5.07 -17.28
N SER A 191 9.57 -5.06 -16.09
CA SER A 191 11.02 -5.19 -15.90
C SER A 191 11.28 -6.39 -14.99
N PRO A 192 11.02 -7.62 -15.49
CA PRO A 192 11.15 -8.80 -14.64
C PRO A 192 12.56 -9.08 -14.12
N GLU A 193 13.59 -8.62 -14.83
CA GLU A 193 14.98 -8.75 -14.38
C GLU A 193 15.26 -7.84 -13.18
N GLU A 194 14.81 -6.59 -13.27
CA GLU A 194 14.92 -5.60 -12.21
C GLU A 194 14.14 -6.00 -10.93
N ALA A 195 13.05 -6.75 -11.11
CA ALA A 195 12.24 -7.27 -10.01
C ALA A 195 12.95 -8.40 -9.26
N ILE A 196 13.40 -9.39 -10.03
CA ILE A 196 14.16 -10.55 -9.51
C ILE A 196 15.40 -10.10 -8.72
N SER A 197 16.14 -9.15 -9.30
CA SER A 197 17.34 -8.60 -8.69
C SER A 197 17.05 -7.96 -7.33
N LEU A 198 16.10 -7.02 -7.29
CA LEU A 198 15.75 -6.32 -6.04
C LEU A 198 15.30 -7.26 -4.92
N ALA A 199 14.53 -8.28 -5.27
CA ALA A 199 14.03 -9.26 -4.30
C ALA A 199 15.13 -10.13 -3.70
N LYS A 200 16.08 -10.55 -4.54
CA LYS A 200 17.17 -11.44 -4.11
C LYS A 200 18.15 -10.74 -3.17
N THR A 201 18.56 -9.52 -3.54
CA THR A 201 19.48 -8.73 -2.73
C THR A 201 18.84 -8.28 -1.40
N THR A 202 17.53 -8.05 -1.40
CA THR A 202 16.80 -7.72 -0.17
C THR A 202 16.82 -8.90 0.81
N PHE A 203 16.52 -10.09 0.30
CA PHE A 203 16.60 -11.32 1.09
C PHE A 203 18.04 -11.57 1.57
N ASP A 204 18.99 -11.54 0.63
CA ASP A 204 20.42 -11.84 0.93
C ASP A 204 21.03 -10.87 1.95
N GLU A 205 20.80 -9.57 1.79
CA GLU A 205 21.35 -8.57 2.71
C GLU A 205 20.77 -8.64 4.13
N ALA A 206 19.53 -9.12 4.27
CA ALA A 206 18.92 -9.36 5.58
C ALA A 206 19.56 -10.55 6.29
N MET A 207 19.79 -11.63 5.54
CA MET A 207 20.44 -12.83 6.08
C MET A 207 21.89 -12.62 6.50
N ALA A 208 22.60 -11.74 5.79
CA ALA A 208 24.00 -11.42 6.11
C ALA A 208 24.13 -10.64 7.42
N ASP A 209 23.11 -9.83 7.76
CA ASP A 209 23.10 -9.00 8.95
C ASP A 209 21.93 -9.36 9.86
N LEU A 210 21.80 -10.64 10.18
CA LEU A 210 20.73 -11.14 11.09
C LEU A 210 20.82 -10.61 12.52
N HIS A 211 22.03 -10.27 12.96
CA HIS A 211 22.26 -9.70 14.30
C HIS A 211 21.48 -8.42 14.64
N THR A 212 20.99 -7.71 13.61
CA THR A 212 20.14 -6.52 13.81
C THR A 212 18.66 -6.83 14.09
N LEU A 213 18.26 -8.10 14.01
CA LEU A 213 16.86 -8.49 14.15
C LEU A 213 16.32 -8.21 15.56
N SER A 214 15.21 -7.49 15.63
CA SER A 214 14.62 -7.03 16.89
C SER A 214 13.54 -8.00 17.38
N GLU A 215 13.46 -8.14 18.70
CA GLU A 215 12.43 -8.95 19.37
C GLU A 215 11.00 -8.55 18.98
N ASP A 216 10.73 -7.25 18.92
CA ASP A 216 9.37 -6.76 18.65
C ASP A 216 8.90 -6.92 17.19
N SER A 217 9.82 -7.20 16.27
CA SER A 217 9.47 -7.41 14.85
C SER A 217 9.97 -8.76 14.24
N TYR A 218 10.23 -9.75 15.09
CA TYR A 218 10.67 -11.09 14.66
C TYR A 218 9.58 -11.72 13.77
N LYS A 219 8.33 -11.65 14.23
CA LYS A 219 7.17 -12.15 13.45
C LYS A 219 7.01 -11.46 12.09
N ASP A 220 6.87 -10.13 12.12
CA ASP A 220 6.66 -9.33 10.90
C ASP A 220 7.77 -9.53 9.86
N SER A 221 9.03 -9.39 10.28
CA SER A 221 10.19 -9.52 9.38
C SER A 221 10.28 -10.91 8.76
N THR A 222 10.04 -11.94 9.56
CA THR A 222 10.10 -13.34 9.09
C THR A 222 9.03 -13.62 8.02
N LEU A 223 7.81 -13.15 8.25
CA LEU A 223 6.72 -13.29 7.28
C LEU A 223 7.11 -12.70 5.91
N ILE A 224 7.67 -11.50 5.92
CA ILE A 224 8.04 -10.80 4.69
C ILE A 224 9.23 -11.47 3.97
N MET A 225 10.16 -12.06 4.73
CA MET A 225 11.23 -12.87 4.14
C MET A 225 10.66 -14.06 3.35
N GLN A 226 9.71 -14.78 3.95
CA GLN A 226 9.06 -15.90 3.25
C GLN A 226 8.35 -15.47 1.97
N LEU A 227 7.70 -14.31 1.99
CA LEU A 227 7.01 -13.78 0.80
C LEU A 227 7.97 -13.38 -0.31
N LEU A 228 9.12 -12.81 0.05
CA LEU A 228 10.19 -12.51 -0.91
C LEU A 228 10.69 -13.78 -1.62
N ARG A 229 10.88 -14.86 -0.85
CA ARG A 229 11.32 -16.15 -1.41
C ARG A 229 10.26 -16.82 -2.28
N ASP A 230 8.99 -16.74 -1.86
CA ASP A 230 7.88 -17.30 -2.65
C ASP A 230 7.73 -16.62 -4.02
N ASN A 231 7.92 -15.30 -4.08
CA ASN A 231 7.95 -14.55 -5.34
C ASN A 231 9.12 -14.97 -6.25
N LEU A 232 10.30 -15.22 -5.67
CA LEU A 232 11.47 -15.68 -6.44
C LEU A 232 11.28 -17.08 -7.03
N THR A 233 10.72 -18.00 -6.24
CA THR A 233 10.28 -19.32 -6.72
C THR A 233 9.37 -19.19 -7.95
N LEU A 234 8.45 -18.24 -7.90
CA LEU A 234 7.49 -18.00 -8.99
C LEU A 234 8.12 -17.37 -10.24
N TRP A 235 9.09 -16.47 -10.04
CA TRP A 235 9.74 -15.75 -11.15
C TRP A 235 10.98 -16.47 -11.75
N THR A 236 11.25 -17.71 -11.32
CA THR A 236 12.30 -18.54 -11.91
C THR A 236 11.71 -19.36 -13.06
OAC 9SZ B . 3.88 -8.65 18.01
PAB 9SZ B . 4.36 -9.92 18.91
OAD 9SZ B . 5.88 -9.55 19.35
OAA 9SZ B . 3.48 -10.13 20.09
OAE 9SZ B . 4.45 -11.18 17.92
CAF 9SZ B . 3.73 -12.34 18.22
CAG 9SZ B . 2.43 -12.47 17.75
CBK 9SZ B . 1.49 -11.58 16.94
CBJ 9SZ B . 0.16 -11.94 17.63
CBL 9SZ B . 1.29 -12.32 15.63
CBM 9SZ B . 1.66 -12.05 14.32
CBN 9SZ B . 1.33 -12.92 13.29
CBT 9SZ B . 1.57 -12.92 11.79
CBS 9SZ B . 0.23 -13.57 11.34
CBU 9SZ B . 2.49 -14.09 11.54
CBV 9SZ B . 3.80 -14.15 11.10
CBW 9SZ B . 4.40 -15.40 10.96
CBX 9SZ B . 3.69 -16.57 11.26
CBY 9SZ B . 2.36 -16.48 11.71
CBZ 9SZ B . 1.79 -15.23 11.83
CBR 9SZ B . 0.40 -14.82 12.28
CBO 9SZ B . 0.61 -14.08 13.58
CBP 9SZ B . 0.24 -14.34 14.90
CBQ 9SZ B . 0.57 -13.47 15.92
CBI 9SZ B . 0.34 -13.47 17.42
CAH 9SZ B . 1.71 -13.64 18.06
CAI 9SZ B . 2.32 -14.64 18.80
OAJ 9SZ B . 1.60 -15.80 19.09
PAK 9SZ B . 0.83 -16.59 17.92
OAM 9SZ B . 0.79 -18.08 18.37
OAN 9SZ B . -0.64 -16.11 18.01
OAL 9SZ B . 1.43 -16.39 16.58
CAO 9SZ B . 3.63 -14.52 19.25
CAP 9SZ B . 4.35 -13.34 18.97
CAQ 9SZ B . 5.72 -13.51 19.59
CAR 9SZ B . 5.31 -14.31 20.86
CAS 9SZ B . 4.54 -15.42 20.07
CAT 9SZ B . 5.63 -15.79 19.11
CAY 9SZ B . 6.36 -14.63 18.82
CAX 9SZ B . 7.43 -14.68 17.94
CAW 9SZ B . 7.81 -15.89 17.36
CAZ 9SZ B . 8.91 -16.28 16.39
CBA 9SZ B . 9.22 -17.70 16.94
CBH 9SZ B . 8.16 -16.69 15.14
CBG 9SZ B . 8.11 -16.11 13.89
CBF 9SZ B . 7.33 -16.71 12.89
CBE 9SZ B . 6.61 -17.88 13.19
CBD 9SZ B . 6.68 -18.44 14.47
CBC 9SZ B . 7.47 -17.83 15.43
CBB 9SZ B . 7.75 -18.17 16.86
CAV 9SZ B . 7.09 -17.06 17.65
CAU 9SZ B . 6.02 -17.00 18.52
CL CL C . -24.09 -0.82 -13.55
C1 GOL D . -0.78 -5.14 -2.50
O1 GOL D . 0.01 -4.10 -1.92
C2 GOL D . 0.14 -6.25 -3.04
O2 GOL D . 0.46 -7.13 -1.95
C3 GOL D . -0.56 -7.00 -4.18
O3 GOL D . -0.08 -8.34 -4.34
#